data_8PO3
#
_entry.id   8PO3
#
_cell.length_a   110.000
_cell.length_b   84.360
_cell.length_c   34.760
_cell.angle_alpha   90.00
_cell.angle_beta   90.00
_cell.angle_gamma   90.00
#
_symmetry.space_group_name_H-M   'P 21 21 2'
#
loop_
_entity.id
_entity.type
_entity.pdbx_description
1 polymer 'Epidermal growth factor receptor'
2 non-polymer 2-methyl-5-[[3-[1-[(3~{S})-1-propanoylpyrrolidin-3-yl]-4-pyridin-4-yl-pyrazol-3-yl]phenoxy]methyl]-3~{H}-isoindol-1-one
3 water water
#
_entity_poly.entity_id   1
_entity_poly.type   'polypeptide(L)'
_entity_poly.pdbx_seq_one_letter_code
;GSSGEAPNQALLRILKETEFKKIKVLGSGAFGTVYKGLWIPEGEKVKIPVAIKELREATSPKANKEILDEAYVMASVDNP
HVCRLLGICLTSTVQLITQLMPFGCLLDYVREHKDNIGSQYLLNWCVQIAKGMNYLEDRRLVHRDLAARNVLVKTPQHVK
ITDFGLAKLLGAEEKEYHAEGGKVPIKWMALESILHRIYTHQSDVWSYGVTVWELMTFGSKPYDGIPASEISSILEKGER
LPQPPICTIDVYMIMRKCWMIDADSRPKFRELIIEFSKMARDPQRYLVIQGDERMHLPSPTDSNFYRALMDEEDMDDVVD
ADEYLIPQQG
;
_entity_poly.pdbx_strand_id   A
#
loop_
_chem_comp.id
_chem_comp.type
_chem_comp.name
_chem_comp.formula
2II non-polymer 2-methyl-5-[[3-[1-[(3~{S})-1-propanoylpyrrolidin-3-yl]-4-pyridin-4-yl-pyrazol-3-yl]phenoxy]methyl]-3~{H}-isoindol-1-one 'C31 H31 N5 O3'
#
# COMPACT_ATOMS: atom_id res chain seq x y z
N ILE A 14 22.31 -7.10 -6.03
CA ILE A 14 22.54 -7.42 -7.45
C ILE A 14 22.87 -8.87 -7.60
N LEU A 15 21.91 -9.61 -8.15
CA LEU A 15 22.03 -11.04 -8.33
C LEU A 15 22.01 -11.44 -9.80
N LYS A 16 22.56 -12.62 -10.09
CA LYS A 16 22.62 -13.13 -11.43
C LYS A 16 21.22 -13.52 -11.93
N GLU A 17 20.83 -12.99 -13.08
CA GLU A 17 19.54 -13.25 -13.72
C GLU A 17 19.28 -14.74 -13.89
N THR A 18 20.37 -15.50 -14.18
CA THR A 18 20.32 -16.94 -14.38
C THR A 18 19.77 -17.69 -13.15
N GLU A 19 19.80 -17.06 -11.95
CA GLU A 19 19.30 -17.65 -10.71
C GLU A 19 17.79 -17.45 -10.48
N PHE A 20 17.10 -16.63 -11.28
CA PHE A 20 15.68 -16.36 -11.07
C PHE A 20 14.87 -16.78 -12.27
N LYS A 21 13.76 -17.47 -12.03
CA LYS A 21 12.90 -17.95 -13.12
C LYS A 21 11.48 -17.43 -12.88
N LYS A 22 10.88 -16.78 -13.89
CA LYS A 22 9.50 -16.31 -13.76
C LYS A 22 8.58 -17.47 -14.08
N ILE A 23 7.58 -17.73 -13.23
CA ILE A 23 6.72 -18.87 -13.46
C ILE A 23 5.23 -18.49 -13.65
N LYS A 24 4.75 -17.44 -13.01
CA LYS A 24 3.33 -17.08 -13.12
C LYS A 24 3.13 -15.56 -12.99
N VAL A 25 2.22 -14.95 -13.75
CA VAL A 25 1.90 -13.53 -13.59
C VAL A 25 0.98 -13.38 -12.38
N LEU A 26 1.25 -12.38 -11.54
CA LEU A 26 0.40 -12.09 -10.38
C LEU A 26 -0.42 -10.78 -10.62
N GLY A 27 0.13 -9.87 -11.39
CA GLY A 27 -0.52 -8.61 -11.70
C GLY A 27 0.45 -7.64 -12.32
N SER A 28 0.02 -6.38 -12.44
CA SER A 28 0.89 -5.34 -12.98
C SER A 28 0.50 -3.98 -12.41
N GLY A 29 1.46 -3.06 -12.47
CA GLY A 29 1.29 -1.68 -12.00
C GLY A 29 1.71 -0.69 -13.06
N ALA A 30 1.88 0.57 -12.69
CA ALA A 30 2.26 1.63 -13.66
C ALA A 30 3.71 1.47 -14.14
N PHE A 31 4.56 0.79 -13.37
CA PHE A 31 6.00 0.65 -13.73
C PHE A 31 6.38 -0.76 -14.22
N GLY A 32 5.59 -1.79 -13.90
CA GLY A 32 5.98 -3.13 -14.34
C GLY A 32 5.00 -4.25 -14.12
N THR A 33 5.42 -5.47 -14.49
CA THR A 33 4.66 -6.70 -14.36
C THR A 33 5.26 -7.55 -13.21
N VAL A 34 4.40 -8.01 -12.32
CA VAL A 34 4.78 -8.79 -11.17
C VAL A 34 4.57 -10.28 -11.46
N TYR A 35 5.55 -11.08 -11.12
CA TYR A 35 5.52 -12.50 -11.34
C TYR A 35 5.83 -13.21 -10.05
N LYS A 36 5.29 -14.39 -9.91
CA LYS A 36 5.70 -15.31 -8.88
C LYS A 36 6.89 -15.98 -9.56
N GLY A 37 8.05 -15.87 -8.93
CA GLY A 37 9.26 -16.45 -9.47
C GLY A 37 9.85 -17.50 -8.55
N LEU A 38 10.89 -18.16 -9.05
CA LEU A 38 11.62 -19.18 -8.31
C LEU A 38 13.08 -18.78 -8.30
N TRP A 39 13.72 -18.85 -7.14
CA TRP A 39 15.13 -18.59 -7.00
C TRP A 39 15.83 -19.92 -6.88
N ILE A 40 16.82 -20.15 -7.75
CA ILE A 40 17.63 -21.35 -7.74
C ILE A 40 19.03 -20.85 -7.45
N PRO A 41 19.46 -20.89 -6.18
CA PRO A 41 20.84 -20.46 -5.86
C PRO A 41 21.88 -21.21 -6.68
N GLU A 42 23.03 -20.60 -7.00
CA GLU A 42 24.07 -21.27 -7.78
C GLU A 42 24.53 -22.53 -7.08
N GLY A 43 24.70 -23.61 -7.82
CA GLY A 43 25.14 -24.88 -7.26
C GLY A 43 24.03 -25.71 -6.63
N GLU A 44 22.84 -25.11 -6.46
CA GLU A 44 21.72 -25.79 -5.83
C GLU A 44 20.67 -26.27 -6.82
N LYS A 45 19.82 -27.18 -6.39
CA LYS A 45 18.71 -27.72 -7.19
C LYS A 45 17.34 -27.26 -6.62
N VAL A 46 17.30 -26.59 -5.47
CA VAL A 46 16.06 -26.12 -4.87
C VAL A 46 15.49 -24.89 -5.58
N LYS A 47 14.17 -24.68 -5.45
CA LYS A 47 13.46 -23.56 -6.05
C LYS A 47 12.70 -22.84 -4.94
N ILE A 48 13.16 -21.65 -4.57
CA ILE A 48 12.61 -20.87 -3.46
C ILE A 48 11.69 -19.82 -4.03
N PRO A 49 10.39 -19.81 -3.68
CA PRO A 49 9.50 -18.81 -4.27
C PRO A 49 9.81 -17.39 -3.85
N VAL A 50 9.80 -16.50 -4.83
CA VAL A 50 10.05 -15.06 -4.63
C VAL A 50 9.03 -14.30 -5.51
N ALA A 51 8.92 -12.99 -5.31
CA ALA A 51 8.12 -12.12 -6.13
C ALA A 51 9.10 -11.31 -6.94
N ILE A 52 8.88 -11.24 -8.26
CA ILE A 52 9.74 -10.48 -9.13
C ILE A 52 8.90 -9.45 -9.86
N LYS A 53 9.32 -8.16 -9.86
CA LYS A 53 8.65 -7.17 -10.66
C LYS A 53 9.62 -6.79 -11.77
N GLU A 54 9.24 -7.10 -13.02
CA GLU A 54 10.02 -6.72 -14.16
C GLU A 54 9.49 -5.38 -14.67
N LEU A 55 10.33 -4.34 -14.66
CA LEU A 55 9.98 -3.00 -15.10
C LEU A 55 9.71 -3.00 -16.59
N ARG A 56 8.75 -2.18 -17.06
CA ARG A 56 8.40 -2.17 -18.48
C ARG A 56 9.41 -1.41 -19.32
N GLU A 57 9.93 -0.32 -18.78
CA GLU A 57 10.88 0.49 -19.51
C GLU A 57 12.29 0.24 -19.08
N ALA A 58 13.20 0.27 -20.06
CA ALA A 58 14.64 0.15 -19.88
C ALA A 58 15.11 1.28 -18.98
N THR A 59 16.16 1.04 -18.23
CA THR A 59 16.63 2.03 -17.28
C THR A 59 18.14 2.16 -17.33
N SER A 60 18.64 3.35 -17.04
CA SER A 60 20.09 3.61 -17.10
C SER A 60 20.80 3.01 -15.90
N PRO A 61 22.10 2.66 -16.02
CA PRO A 61 22.84 2.17 -14.84
C PRO A 61 22.82 3.19 -13.69
N LYS A 62 22.75 4.49 -14.02
CA LYS A 62 22.68 5.55 -13.01
C LYS A 62 21.37 5.42 -12.24
N ALA A 63 20.25 5.21 -12.95
CA ALA A 63 18.93 5.06 -12.34
C ALA A 63 18.85 3.75 -11.52
N ASN A 64 19.58 2.72 -11.91
CA ASN A 64 19.65 1.47 -11.18
C ASN A 64 20.38 1.68 -9.86
N LYS A 65 21.47 2.43 -9.88
CA LYS A 65 22.25 2.79 -8.69
C LYS A 65 21.35 3.62 -7.76
N GLU A 66 20.58 4.59 -8.30
CA GLU A 66 19.63 5.38 -7.50
C GLU A 66 18.62 4.47 -6.78
N ILE A 67 18.06 3.46 -7.48
CA ILE A 67 17.08 2.54 -6.88
C ILE A 67 17.72 1.78 -5.73
N LEU A 68 18.93 1.24 -5.97
CA LEU A 68 19.65 0.47 -4.97
C LEU A 68 20.01 1.33 -3.78
N ASP A 69 20.51 2.56 -3.99
CA ASP A 69 20.89 3.44 -2.87
C ASP A 69 19.68 3.78 -2.05
N GLU A 70 18.58 4.20 -2.70
CA GLU A 70 17.37 4.57 -1.98
C GLU A 70 16.80 3.38 -1.20
N ALA A 71 16.93 2.14 -1.73
CA ALA A 71 16.46 0.95 -1.06
C ALA A 71 17.34 0.62 0.13
N TYR A 72 18.64 0.84 0.01
CA TYR A 72 19.61 0.57 1.05
C TYR A 72 19.33 1.46 2.25
N VAL A 73 18.96 2.75 2.03
CA VAL A 73 18.67 3.63 3.16
C VAL A 73 17.34 3.25 3.83
N MET A 74 16.28 2.98 3.04
CA MET A 74 14.99 2.63 3.63
C MET A 74 15.07 1.31 4.39
N ALA A 75 15.85 0.34 3.87
CA ALA A 75 15.96 -0.98 4.47
C ALA A 75 17.09 -1.11 5.51
N SER A 76 17.70 0.03 5.93
CA SER A 76 18.77 -0.01 6.94
C SER A 76 18.25 -0.60 8.26
N VAL A 77 16.98 -0.32 8.56
CA VAL A 77 16.26 -0.84 9.72
C VAL A 77 14.95 -1.51 9.19
N ASP A 78 14.57 -2.65 9.77
CA ASP A 78 13.33 -3.32 9.37
C ASP A 78 12.11 -2.65 10.01
N ASN A 79 10.97 -2.69 9.31
CA ASN A 79 9.67 -2.27 9.83
C ASN A 79 8.72 -3.33 9.40
N PRO A 80 7.92 -3.86 10.33
CA PRO A 80 7.01 -4.97 9.97
C PRO A 80 5.93 -4.64 8.96
N HIS A 81 5.67 -3.36 8.71
CA HIS A 81 4.61 -2.95 7.78
C HIS A 81 5.12 -2.28 6.52
N VAL A 82 6.39 -2.46 6.19
CA VAL A 82 6.97 -1.89 4.97
C VAL A 82 7.82 -2.97 4.28
N CYS A 83 7.50 -3.27 3.00
CA CYS A 83 8.29 -4.23 2.22
C CYS A 83 9.62 -3.67 1.83
N ARG A 84 10.65 -4.48 2.00
CA ARG A 84 11.99 -4.09 1.59
C ARG A 84 12.36 -4.78 0.26
N LEU A 85 13.20 -4.12 -0.54
CA LEU A 85 13.73 -4.64 -1.78
C LEU A 85 14.85 -5.60 -1.37
N LEU A 86 14.73 -6.89 -1.70
CA LEU A 86 15.71 -7.89 -1.31
C LEU A 86 16.86 -8.03 -2.29
N GLY A 87 16.55 -7.88 -3.57
CA GLY A 87 17.55 -8.02 -4.60
C GLY A 87 17.14 -7.38 -5.90
N ILE A 88 18.08 -7.34 -6.85
CA ILE A 88 17.85 -6.79 -8.17
C ILE A 88 18.61 -7.60 -9.22
N CYS A 89 18.02 -7.79 -10.39
CA CYS A 89 18.67 -8.44 -11.52
C CYS A 89 18.82 -7.38 -12.57
N LEU A 90 20.06 -7.05 -12.95
CA LEU A 90 20.28 -5.97 -13.92
C LEU A 90 20.20 -6.44 -15.36
N THR A 91 19.03 -6.86 -15.79
CA THR A 91 18.82 -7.31 -17.17
C THR A 91 18.45 -6.12 -18.11
N SER A 92 18.04 -6.40 -19.40
CA SER A 92 17.53 -5.44 -20.41
C SER A 92 16.63 -4.41 -19.72
N THR A 93 15.72 -4.92 -18.88
CA THR A 93 14.87 -4.17 -17.97
C THR A 93 15.09 -4.81 -16.60
N VAL A 94 15.17 -3.99 -15.58
CA VAL A 94 15.43 -4.40 -14.22
C VAL A 94 14.32 -5.30 -13.61
N GLN A 95 14.75 -6.30 -12.84
CA GLN A 95 13.86 -7.17 -12.11
C GLN A 95 14.06 -6.98 -10.60
N LEU A 96 13.04 -6.42 -9.94
CA LEU A 96 13.11 -6.18 -8.50
C LEU A 96 12.63 -7.42 -7.81
N ILE A 97 13.31 -7.82 -6.75
CA ILE A 97 12.97 -9.03 -6.02
C ILE A 97 12.61 -8.72 -4.56
N THR A 98 11.45 -9.21 -4.10
CA THR A 98 10.96 -9.03 -2.74
C THR A 98 10.37 -10.37 -2.25
N GLN A 99 10.01 -10.45 -0.95
CA GLN A 99 9.39 -11.64 -0.41
C GLN A 99 8.00 -11.81 -1.08
N LEU A 100 7.64 -13.04 -1.43
CA LEU A 100 6.35 -13.31 -2.05
C LEU A 100 5.25 -13.20 -1.00
N MET A 101 4.20 -12.46 -1.31
CA MET A 101 3.06 -12.32 -0.40
C MET A 101 1.97 -13.15 -1.08
N PRO A 102 1.72 -14.37 -0.59
CA PRO A 102 0.74 -15.24 -1.25
C PRO A 102 -0.67 -14.67 -1.37
N PHE A 103 -1.08 -13.83 -0.40
CA PHE A 103 -2.41 -13.24 -0.41
C PHE A 103 -2.59 -12.07 -1.40
N GLY A 104 -1.51 -11.65 -2.06
CA GLY A 104 -1.58 -10.59 -3.04
C GLY A 104 -1.81 -9.24 -2.39
N CYS A 105 -2.51 -8.32 -3.09
CA CYS A 105 -2.73 -6.99 -2.55
C CYS A 105 -4.03 -6.88 -1.79
N LEU A 106 -4.02 -5.97 -0.79
CA LEU A 106 -5.15 -5.74 0.08
C LEU A 106 -6.40 -5.26 -0.70
N LEU A 107 -6.20 -4.58 -1.85
CA LEU A 107 -7.34 -4.13 -2.69
C LEU A 107 -8.09 -5.37 -3.19
N ASP A 108 -7.36 -6.35 -3.76
CA ASP A 108 -7.97 -7.59 -4.23
C ASP A 108 -8.52 -8.41 -3.08
N TYR A 109 -7.87 -8.38 -1.92
CA TYR A 109 -8.33 -9.15 -0.77
C TYR A 109 -9.71 -8.68 -0.26
N VAL A 110 -9.92 -7.34 -0.13
CA VAL A 110 -11.18 -6.81 0.36
C VAL A 110 -12.32 -7.01 -0.64
N ARG A 111 -12.02 -7.01 -1.93
CA ARG A 111 -13.01 -7.24 -2.96
C ARG A 111 -13.46 -8.71 -2.87
N GLU A 112 -12.50 -9.65 -2.70
CA GLU A 112 -12.76 -11.08 -2.56
C GLU A 112 -13.53 -11.42 -1.28
N HIS A 113 -13.22 -10.75 -0.18
CA HIS A 113 -13.87 -11.02 1.10
C HIS A 113 -14.89 -9.95 1.51
N LYS A 114 -15.50 -9.30 0.51
CA LYS A 114 -16.54 -8.28 0.65
C LYS A 114 -17.69 -8.71 1.60
N ASP A 115 -18.02 -10.03 1.65
CA ASP A 115 -19.10 -10.55 2.53
C ASP A 115 -18.58 -11.21 3.82
N ASN A 116 -17.26 -11.30 4.00
CA ASN A 116 -16.69 -11.98 5.15
C ASN A 116 -15.72 -11.15 5.97
N ILE A 117 -15.56 -9.85 5.68
CA ILE A 117 -14.61 -9.03 6.43
C ILE A 117 -15.25 -8.34 7.63
N GLY A 118 -14.67 -8.55 8.80
CA GLY A 118 -15.14 -7.94 10.02
C GLY A 118 -14.53 -6.57 10.28
N SER A 119 -15.17 -5.81 11.18
CA SER A 119 -14.72 -4.48 11.53
C SER A 119 -13.36 -4.49 12.19
N GLN A 120 -13.06 -5.53 12.97
CA GLN A 120 -11.78 -5.73 13.64
C GLN A 120 -10.62 -5.77 12.63
N TYR A 121 -10.79 -6.50 11.51
CA TYR A 121 -9.77 -6.59 10.48
C TYR A 121 -9.59 -5.28 9.74
N LEU A 122 -10.69 -4.63 9.35
CA LEU A 122 -10.62 -3.36 8.63
C LEU A 122 -9.93 -2.28 9.45
N LEU A 123 -10.19 -2.26 10.77
CA LEU A 123 -9.58 -1.27 11.64
C LEU A 123 -8.12 -1.57 11.93
N ASN A 124 -7.76 -2.85 12.02
CA ASN A 124 -6.37 -3.22 12.24
C ASN A 124 -5.50 -2.90 11.04
N TRP A 125 -5.99 -3.16 9.83
CA TRP A 125 -5.29 -2.82 8.61
C TRP A 125 -5.04 -1.29 8.55
N CYS A 126 -6.00 -0.49 9.01
CA CYS A 126 -5.81 0.98 9.07
C CYS A 126 -4.65 1.34 9.99
N VAL A 127 -4.55 0.68 11.14
CA VAL A 127 -3.48 0.94 12.10
C VAL A 127 -2.14 0.55 11.48
N GLN A 128 -2.08 -0.63 10.86
CA GLN A 128 -0.86 -1.18 10.26
C GLN A 128 -0.30 -0.35 9.14
N ILE A 129 -1.19 0.16 8.27
CA ILE A 129 -0.77 1.01 7.18
C ILE A 129 -0.27 2.33 7.78
N ALA A 130 -0.96 2.88 8.80
CA ALA A 130 -0.53 4.11 9.44
C ALA A 130 0.82 3.92 10.11
N LYS A 131 1.09 2.74 10.71
CA LYS A 131 2.37 2.42 11.34
C LYS A 131 3.50 2.33 10.32
N GLY A 132 3.20 1.73 9.17
CA GLY A 132 4.20 1.62 8.11
C GLY A 132 4.50 3.00 7.53
N MET A 133 3.47 3.84 7.39
CA MET A 133 3.60 5.20 6.88
C MET A 133 4.31 6.14 7.85
N ASN A 134 4.08 5.92 9.14
CA ASN A 134 4.73 6.67 10.20
C ASN A 134 6.23 6.32 10.28
N TYR A 135 6.59 5.08 9.99
CA TYR A 135 7.98 4.64 9.94
C TYR A 135 8.69 5.41 8.82
N LEU A 136 8.05 5.53 7.63
CA LEU A 136 8.61 6.30 6.54
C LEU A 136 8.76 7.77 6.94
N GLU A 137 7.74 8.34 7.63
CA GLU A 137 7.81 9.72 8.06
C GLU A 137 8.97 9.91 9.06
N ASP A 138 9.13 9.02 10.04
CA ASP A 138 10.23 9.12 11.02
C ASP A 138 11.62 9.09 10.35
N ARG A 139 11.76 8.37 9.23
CA ARG A 139 13.00 8.31 8.44
C ARG A 139 13.08 9.48 7.42
N ARG A 140 12.06 10.35 7.37
CA ARG A 140 11.88 11.47 6.44
C ARG A 140 11.79 11.01 4.99
N LEU A 141 11.16 9.86 4.78
CA LEU A 141 10.96 9.31 3.45
C LEU A 141 9.49 9.46 3.05
N VAL A 142 9.23 9.87 1.82
CA VAL A 142 7.87 10.04 1.33
C VAL A 142 7.60 8.95 0.30
N HIS A 143 6.47 8.25 0.43
CA HIS A 143 6.13 7.14 -0.45
C HIS A 143 5.70 7.61 -1.83
N ARG A 144 4.75 8.53 -1.88
CA ARG A 144 4.21 9.13 -3.13
C ARG A 144 3.17 8.30 -3.83
N ASP A 145 2.97 7.03 -3.45
CA ASP A 145 2.01 6.19 -4.16
C ASP A 145 1.30 5.17 -3.26
N LEU A 146 0.86 5.61 -2.10
CA LEU A 146 0.10 4.77 -1.21
C LEU A 146 -1.29 4.63 -1.78
N ALA A 147 -1.74 3.40 -1.89
CA ALA A 147 -3.05 2.98 -2.41
C ALA A 147 -3.26 1.57 -1.84
N ALA A 148 -4.51 1.08 -1.82
CA ALA A 148 -4.78 -0.27 -1.34
C ALA A 148 -4.13 -1.33 -2.24
N ARG A 149 -3.88 -1.00 -3.54
CA ARG A 149 -3.17 -1.89 -4.45
C ARG A 149 -1.68 -1.98 -4.04
N ASN A 150 -1.11 -0.97 -3.32
CA ASN A 150 0.28 -1.04 -2.84
C ASN A 150 0.44 -1.51 -1.39
N VAL A 151 -0.65 -2.04 -0.81
CA VAL A 151 -0.62 -2.64 0.51
C VAL A 151 -0.81 -4.12 0.22
N LEU A 152 0.13 -4.92 0.68
CA LEU A 152 0.16 -6.34 0.41
C LEU A 152 -0.21 -7.12 1.64
N VAL A 153 -0.83 -8.28 1.44
CA VAL A 153 -1.25 -9.11 2.56
C VAL A 153 -0.29 -10.26 2.83
N LYS A 154 0.40 -10.24 3.97
CA LYS A 154 1.32 -11.34 4.33
C LYS A 154 0.46 -12.48 4.89
N THR A 155 -0.41 -12.16 5.83
CA THR A 155 -1.46 -12.99 6.41
C THR A 155 -2.64 -12.04 6.57
N PRO A 156 -3.89 -12.52 6.72
CA PRO A 156 -5.02 -11.60 6.91
C PRO A 156 -4.85 -10.65 8.10
N GLN A 157 -3.96 -10.97 9.03
CA GLN A 157 -3.69 -10.15 10.22
C GLN A 157 -2.42 -9.28 10.12
N HIS A 158 -1.74 -9.28 8.97
CA HIS A 158 -0.47 -8.60 8.81
C HIS A 158 -0.31 -8.06 7.37
N VAL A 159 -0.44 -6.74 7.20
CA VAL A 159 -0.28 -6.09 5.89
C VAL A 159 1.01 -5.26 5.81
N LYS A 160 1.55 -5.06 4.60
CA LYS A 160 2.81 -4.34 4.43
C LYS A 160 2.72 -3.44 3.20
N ILE A 161 3.29 -2.23 3.26
CA ILE A 161 3.29 -1.34 2.12
C ILE A 161 4.46 -1.65 1.20
N THR A 162 4.16 -1.82 -0.10
CA THR A 162 5.17 -2.09 -1.10
C THR A 162 5.40 -0.86 -2.00
N ASP A 163 6.43 -0.97 -2.88
CA ASP A 163 6.76 0.01 -3.89
C ASP A 163 7.24 1.34 -3.35
N PHE A 164 7.91 1.34 -2.19
CA PHE A 164 8.41 2.63 -1.66
C PHE A 164 9.42 3.24 -2.66
N GLY A 165 9.26 4.53 -2.96
CA GLY A 165 10.22 5.27 -3.81
C GLY A 165 10.14 5.00 -5.30
N LEU A 166 9.36 4.02 -5.76
CA LEU A 166 9.30 3.74 -7.22
C LEU A 166 8.72 4.94 -7.98
N ALA A 167 7.74 5.63 -7.39
CA ALA A 167 7.09 6.80 -8.03
C ALA A 167 8.15 7.88 -8.31
N LYS A 168 8.92 8.27 -7.30
CA LYS A 168 9.94 9.31 -7.47
C LYS A 168 11.06 8.89 -8.45
N LEU A 169 11.47 7.64 -8.39
CA LEU A 169 12.55 7.14 -9.23
C LEU A 169 12.17 6.87 -10.69
N LEU A 170 10.93 6.45 -10.96
CA LEU A 170 10.51 6.07 -12.32
C LEU A 170 9.52 7.03 -13.03
N VAL A 184 -0.11 8.33 -13.71
CA VAL A 184 -0.14 9.16 -12.50
C VAL A 184 -1.48 8.95 -11.76
N PRO A 185 -1.44 8.54 -10.48
CA PRO A 185 -2.70 8.22 -9.76
C PRO A 185 -3.41 9.45 -9.19
N ILE A 186 -3.98 10.28 -10.08
CA ILE A 186 -4.69 11.51 -9.76
C ILE A 186 -5.71 11.37 -8.63
N LYS A 187 -6.51 10.29 -8.64
CA LYS A 187 -7.59 10.11 -7.66
C LYS A 187 -7.12 9.72 -6.25
N TRP A 188 -5.82 9.54 -6.06
CA TRP A 188 -5.18 9.28 -4.75
C TRP A 188 -4.32 10.46 -4.29
N MET A 189 -4.05 11.41 -5.19
CA MET A 189 -3.19 12.53 -4.90
C MET A 189 -3.84 13.70 -4.25
N ALA A 190 -3.09 14.30 -3.34
CA ALA A 190 -3.41 15.55 -2.69
C ALA A 190 -3.46 16.65 -3.75
N LEU A 191 -4.28 17.68 -3.53
CA LEU A 191 -4.41 18.77 -4.49
C LEU A 191 -3.06 19.45 -4.83
N GLU A 192 -2.20 19.71 -3.83
CA GLU A 192 -0.89 20.32 -4.10
C GLU A 192 0.01 19.44 -4.98
N SER A 193 -0.20 18.12 -4.92
CA SER A 193 0.56 17.20 -5.77
C SER A 193 0.02 17.25 -7.20
N ILE A 194 -1.30 17.37 -7.37
CA ILE A 194 -1.93 17.44 -8.70
C ILE A 194 -1.50 18.74 -9.37
N LEU A 195 -1.61 19.86 -8.65
CA LEU A 195 -1.28 21.16 -9.21
C LEU A 195 0.20 21.46 -9.36
N HIS A 196 1.04 20.99 -8.43
CA HIS A 196 2.46 21.38 -8.46
C HIS A 196 3.47 20.24 -8.30
N ARG A 197 3.04 18.97 -8.37
CA ARG A 197 3.95 17.84 -8.11
C ARG A 197 4.73 18.00 -6.78
N ILE A 198 4.05 18.52 -5.76
CA ILE A 198 4.64 18.68 -4.44
C ILE A 198 4.22 17.45 -3.64
N TYR A 199 5.21 16.72 -3.09
CA TYR A 199 4.95 15.51 -2.32
C TYR A 199 5.62 15.66 -0.96
N THR A 200 4.83 15.45 0.09
CA THR A 200 5.29 15.58 1.46
C THR A 200 4.70 14.43 2.28
N HIS A 201 5.03 14.33 3.59
CA HIS A 201 4.39 13.35 4.46
C HIS A 201 2.87 13.61 4.52
N GLN A 202 2.44 14.88 4.42
CA GLN A 202 1.04 15.27 4.48
C GLN A 202 0.27 14.95 3.20
N SER A 203 0.94 14.88 2.05
CA SER A 203 0.26 14.46 0.83
C SER A 203 0.09 12.92 0.85
N ASP A 204 1.04 12.19 1.49
CA ASP A 204 0.94 10.75 1.72
C ASP A 204 -0.27 10.49 2.67
N VAL A 205 -0.54 11.40 3.62
CA VAL A 205 -1.69 11.37 4.53
C VAL A 205 -2.96 11.45 3.72
N TRP A 206 -3.01 12.33 2.71
CA TRP A 206 -4.16 12.42 1.80
C TRP A 206 -4.39 11.06 1.13
N SER A 207 -3.32 10.42 0.58
CA SER A 207 -3.43 9.10 -0.05
C SER A 207 -3.84 8.00 0.93
N TYR A 208 -3.47 8.16 2.20
CA TYR A 208 -3.87 7.25 3.25
C TYR A 208 -5.40 7.33 3.44
N GLY A 209 -5.98 8.53 3.40
CA GLY A 209 -7.42 8.71 3.53
C GLY A 209 -8.19 8.00 2.44
N VAL A 210 -7.65 8.08 1.21
CA VAL A 210 -8.21 7.42 0.04
C VAL A 210 -8.08 5.90 0.17
N THR A 211 -6.94 5.44 0.69
CA THR A 211 -6.66 4.03 0.92
C THR A 211 -7.67 3.47 1.93
N VAL A 212 -7.95 4.21 2.99
CA VAL A 212 -8.95 3.84 4.00
C VAL A 212 -10.31 3.79 3.37
N TRP A 213 -10.64 4.79 2.52
CA TRP A 213 -11.91 4.81 1.82
C TRP A 213 -12.08 3.58 0.94
N GLU A 214 -11.00 3.12 0.26
CA GLU A 214 -11.08 1.89 -0.56
C GLU A 214 -11.34 0.69 0.35
N LEU A 215 -10.71 0.62 1.51
CA LEU A 215 -10.93 -0.49 2.43
C LEU A 215 -12.37 -0.52 2.93
N MET A 216 -12.86 0.62 3.37
CA MET A 216 -14.20 0.78 3.95
C MET A 216 -15.33 0.58 2.97
N THR A 217 -15.07 0.71 1.69
CA THR A 217 -16.05 0.43 0.66
C THR A 217 -15.77 -0.94 0.01
N PHE A 218 -14.90 -1.78 0.61
CA PHE A 218 -14.58 -3.09 0.09
C PHE A 218 -14.00 -3.07 -1.33
N GLY A 219 -13.22 -2.05 -1.64
CA GLY A 219 -12.54 -1.94 -2.92
C GLY A 219 -13.21 -1.11 -4.01
N SER A 220 -14.07 -0.14 -3.64
CA SER A 220 -14.70 0.72 -4.66
C SER A 220 -13.66 1.60 -5.32
N LYS A 221 -13.92 2.05 -6.54
CA LYS A 221 -13.02 2.92 -7.25
C LYS A 221 -13.37 4.36 -6.87
N PRO A 222 -12.36 5.15 -6.45
CA PRO A 222 -12.66 6.52 -6.00
C PRO A 222 -13.06 7.40 -7.16
N TYR A 223 -14.08 8.25 -6.96
CA TYR A 223 -14.58 9.17 -8.00
C TYR A 223 -14.92 8.43 -9.31
N ASP A 224 -15.58 7.27 -9.19
CA ASP A 224 -15.97 6.42 -10.32
C ASP A 224 -16.86 7.22 -11.28
N GLY A 225 -16.43 7.31 -12.53
CA GLY A 225 -17.16 8.04 -13.57
C GLY A 225 -16.73 9.48 -13.78
N ILE A 226 -15.83 9.98 -12.93
CA ILE A 226 -15.32 11.34 -13.07
C ILE A 226 -13.96 11.26 -13.73
N PRO A 227 -13.77 11.94 -14.87
CA PRO A 227 -12.45 11.92 -15.52
C PRO A 227 -11.35 12.52 -14.63
N ALA A 228 -10.10 12.04 -14.78
CA ALA A 228 -8.96 12.53 -13.98
C ALA A 228 -8.72 14.02 -14.15
N SER A 229 -9.05 14.58 -15.34
CA SER A 229 -8.89 15.99 -15.66
C SER A 229 -9.80 16.89 -14.82
N GLU A 230 -10.94 16.38 -14.37
CA GLU A 230 -11.88 17.16 -13.55
C GLU A 230 -11.61 17.07 -12.02
N ILE A 231 -10.72 16.18 -11.60
CA ILE A 231 -10.48 15.96 -10.18
C ILE A 231 -10.03 17.23 -9.43
N SER A 232 -8.97 17.93 -9.89
CA SER A 232 -8.52 19.16 -9.18
C SER A 232 -9.64 20.19 -8.91
N SER A 233 -10.44 20.50 -9.94
CA SER A 233 -11.57 21.44 -9.83
C SER A 233 -12.65 20.93 -8.88
N ILE A 234 -12.92 19.63 -8.90
CA ILE A 234 -13.88 19.01 -7.99
C ILE A 234 -13.44 19.18 -6.54
N LEU A 235 -12.15 18.98 -6.29
CA LEU A 235 -11.55 19.14 -4.97
C LEU A 235 -11.58 20.62 -4.55
N GLU A 236 -11.32 21.53 -5.50
CA GLU A 236 -11.36 22.97 -5.30
C GLU A 236 -12.77 23.49 -4.91
N LYS A 237 -13.85 22.89 -5.45
CA LYS A 237 -15.25 23.23 -5.09
C LYS A 237 -15.66 22.70 -3.69
N GLY A 238 -14.82 21.88 -3.06
CA GLY A 238 -15.14 21.32 -1.76
C GLY A 238 -15.62 19.89 -1.80
N GLU A 239 -15.81 19.32 -3.01
CA GLU A 239 -16.26 17.93 -3.17
C GLU A 239 -15.22 16.92 -2.71
N ARG A 240 -15.67 15.90 -1.97
CA ARG A 240 -14.80 14.82 -1.46
C ARG A 240 -15.46 13.46 -1.66
N LEU A 241 -14.70 12.36 -1.44
CA LEU A 241 -15.26 11.00 -1.51
C LEU A 241 -16.39 10.85 -0.49
N PRO A 242 -17.50 10.17 -0.83
CA PRO A 242 -18.62 10.10 0.11
C PRO A 242 -18.40 9.15 1.30
N GLN A 243 -19.26 9.22 2.31
CA GLN A 243 -19.16 8.39 3.49
C GLN A 243 -19.54 6.95 3.18
N PRO A 244 -18.62 5.97 3.32
CA PRO A 244 -19.01 4.58 3.07
C PRO A 244 -20.10 4.12 4.02
N PRO A 245 -21.10 3.39 3.51
CA PRO A 245 -22.21 2.93 4.37
C PRO A 245 -21.83 2.31 5.71
N ILE A 246 -20.73 1.53 5.77
CA ILE A 246 -20.33 0.90 7.04
C ILE A 246 -19.74 1.86 8.05
N CYS A 247 -19.35 3.08 7.66
CA CYS A 247 -18.65 4.00 8.56
C CYS A 247 -19.54 4.86 9.44
N THR A 248 -19.20 4.95 10.73
CA THR A 248 -19.84 5.91 11.60
C THR A 248 -19.22 7.30 11.21
N ILE A 249 -19.85 8.40 11.65
CA ILE A 249 -19.36 9.73 11.32
C ILE A 249 -17.91 9.94 11.84
N ASP A 250 -17.56 9.33 12.98
CA ASP A 250 -16.25 9.39 13.65
C ASP A 250 -15.13 8.88 12.74
N VAL A 251 -15.40 7.82 11.97
CA VAL A 251 -14.42 7.27 11.04
C VAL A 251 -14.36 8.14 9.80
N TYR A 252 -15.51 8.50 9.26
CA TYR A 252 -15.56 9.36 8.07
C TYR A 252 -14.89 10.73 8.33
N MET A 253 -15.07 11.29 9.53
CA MET A 253 -14.46 12.58 9.86
C MET A 253 -12.93 12.56 9.81
N ILE A 254 -12.33 11.41 10.15
CA ILE A 254 -10.89 11.20 10.10
C ILE A 254 -10.46 11.17 8.64
N MET A 255 -11.24 10.51 7.76
CA MET A 255 -10.96 10.45 6.33
C MET A 255 -11.01 11.87 5.75
N ARG A 256 -12.07 12.64 6.06
CA ARG A 256 -12.27 13.99 5.57
C ARG A 256 -11.14 14.94 5.98
N LYS A 257 -10.64 14.79 7.21
CA LYS A 257 -9.55 15.60 7.72
C LYS A 257 -8.24 15.32 6.94
N CYS A 258 -8.09 14.09 6.39
CA CYS A 258 -6.95 13.68 5.54
C CYS A 258 -6.99 14.44 4.20
N TRP A 259 -8.19 14.92 3.78
CA TRP A 259 -8.36 15.61 2.53
C TRP A 259 -8.56 17.11 2.67
N MET A 260 -8.03 17.72 3.71
CA MET A 260 -8.11 19.17 3.89
C MET A 260 -7.21 19.85 2.86
N ILE A 261 -7.63 20.97 2.24
CA ILE A 261 -6.76 21.68 1.26
C ILE A 261 -5.45 22.09 1.95
N ASP A 262 -5.57 22.60 3.17
CA ASP A 262 -4.39 22.98 3.94
C ASP A 262 -3.72 21.72 4.48
N ALA A 263 -2.54 21.37 3.94
CA ALA A 263 -1.79 20.17 4.33
C ALA A 263 -1.50 20.08 5.80
N ASP A 264 -1.21 21.22 6.45
CA ASP A 264 -0.91 21.27 7.88
C ASP A 264 -2.13 21.03 8.77
N SER A 265 -3.34 21.14 8.23
CA SER A 265 -4.56 20.84 8.99
C SER A 265 -4.88 19.34 8.98
N ARG A 266 -4.26 18.54 8.07
CA ARG A 266 -4.51 17.10 7.97
C ARG A 266 -3.89 16.39 9.16
N PRO A 267 -4.42 15.21 9.52
CA PRO A 267 -3.81 14.46 10.63
C PRO A 267 -2.37 14.04 10.37
N LYS A 268 -1.65 13.72 11.45
CA LYS A 268 -0.32 13.15 11.37
C LYS A 268 -0.50 11.63 11.44
N PHE A 269 0.41 10.84 10.81
CA PHE A 269 0.31 9.38 10.91
C PHE A 269 0.31 8.87 12.33
N ARG A 270 1.06 9.49 13.26
CA ARG A 270 1.03 9.02 14.67
C ARG A 270 -0.32 9.29 15.31
N GLU A 271 -1.03 10.34 14.90
CA GLU A 271 -2.38 10.62 15.39
C GLU A 271 -3.38 9.59 14.82
N LEU A 272 -3.17 9.19 13.55
CA LEU A 272 -3.98 8.19 12.88
C LEU A 272 -3.81 6.83 13.55
N ILE A 273 -2.55 6.49 13.97
CA ILE A 273 -2.22 5.24 14.67
C ILE A 273 -3.03 5.19 15.97
N ILE A 274 -2.91 6.23 16.82
CA ILE A 274 -3.66 6.35 18.07
C ILE A 274 -5.17 6.23 17.82
N GLU A 275 -5.72 7.03 16.89
CA GLU A 275 -7.15 7.04 16.60
C GLU A 275 -7.69 5.70 16.15
N PHE A 276 -7.11 5.07 15.14
CA PHE A 276 -7.60 3.77 14.66
C PHE A 276 -7.34 2.68 15.66
N SER A 277 -6.27 2.78 16.48
CA SER A 277 -6.00 1.75 17.49
C SER A 277 -7.06 1.78 18.57
N LYS A 278 -7.58 2.98 18.91
CA LYS A 278 -8.66 3.17 19.87
C LYS A 278 -9.92 2.53 19.29
N MET A 279 -10.22 2.81 18.02
CA MET A 279 -11.37 2.21 17.35
C MET A 279 -11.30 0.68 17.27
N ALA A 280 -10.11 0.13 16.98
CA ALA A 280 -9.90 -1.31 16.88
C ALA A 280 -10.17 -2.03 18.21
N ARG A 281 -10.03 -1.34 19.35
CA ARG A 281 -10.30 -1.93 20.66
C ARG A 281 -11.81 -2.07 20.93
N ASP A 282 -12.67 -1.37 20.21
CA ASP A 282 -14.13 -1.53 20.32
C ASP A 282 -14.67 -1.36 18.89
N PRO A 283 -14.39 -2.33 18.00
CA PRO A 283 -14.69 -2.14 16.58
C PRO A 283 -16.15 -1.93 16.14
N GLN A 284 -17.12 -2.58 16.81
CA GLN A 284 -18.54 -2.44 16.45
C GLN A 284 -19.14 -1.07 16.78
N ARG A 285 -18.44 -0.28 17.59
CA ARG A 285 -18.84 1.10 17.87
C ARG A 285 -18.48 2.03 16.71
N TYR A 286 -17.59 1.62 15.79
CA TYR A 286 -17.12 2.52 14.73
C TYR A 286 -17.46 2.07 13.34
N LEU A 287 -17.66 0.77 13.14
CA LEU A 287 -18.07 0.26 11.84
C LEU A 287 -19.31 -0.59 12.02
N VAL A 288 -20.29 -0.46 11.12
CA VAL A 288 -21.51 -1.25 11.13
C VAL A 288 -21.54 -2.11 9.88
N ILE A 289 -21.16 -3.37 10.04
CA ILE A 289 -21.11 -4.31 8.93
C ILE A 289 -22.14 -5.40 9.17
N GLN A 290 -22.92 -5.75 8.14
CA GLN A 290 -23.95 -6.78 8.23
C GLN A 290 -23.34 -8.13 8.64
N GLY A 291 -23.83 -8.66 9.75
CA GLY A 291 -23.39 -9.95 10.26
C GLY A 291 -22.01 -9.97 10.90
N ASP A 292 -21.48 -8.78 11.23
CA ASP A 292 -20.18 -8.60 11.86
C ASP A 292 -19.95 -9.47 13.08
N GLU A 293 -21.01 -9.66 13.90
CA GLU A 293 -20.91 -10.47 15.11
C GLU A 293 -20.61 -11.95 14.81
N ARG A 294 -21.03 -12.44 13.65
CA ARG A 294 -20.81 -13.84 13.26
C ARG A 294 -19.55 -14.03 12.40
N SER A 299 -10.73 -17.72 12.01
CA SER A 299 -10.74 -19.06 12.62
C SER A 299 -9.68 -19.09 13.71
N PRO A 300 -10.00 -19.60 14.91
CA PRO A 300 -9.01 -19.60 16.00
C PRO A 300 -7.80 -20.48 15.70
N THR A 301 -8.02 -21.65 15.08
CA THR A 301 -6.92 -22.55 14.76
C THR A 301 -6.05 -21.99 13.64
N ASP A 302 -6.70 -21.40 12.62
CA ASP A 302 -5.97 -20.81 11.52
C ASP A 302 -5.19 -19.61 11.99
N SER A 303 -5.77 -18.80 12.89
CA SER A 303 -5.10 -17.63 13.48
C SER A 303 -3.83 -18.06 14.20
N ASN A 304 -3.90 -19.14 14.95
CA ASN A 304 -2.76 -19.67 15.68
C ASN A 304 -1.66 -20.22 14.74
N PHE A 305 -2.09 -20.90 13.67
CA PHE A 305 -1.17 -21.50 12.71
C PHE A 305 -0.45 -20.46 11.88
N TYR A 306 -1.16 -19.34 11.50
CA TYR A 306 -0.57 -18.23 10.74
C TYR A 306 0.64 -17.68 11.51
N ARG A 307 0.48 -17.52 12.85
CA ARG A 307 1.48 -16.99 13.73
C ARG A 307 2.67 -17.98 13.75
N ALA A 308 2.41 -19.26 14.09
CA ALA A 308 3.45 -20.29 14.14
C ALA A 308 4.24 -20.44 12.83
N LEU A 309 3.56 -20.38 11.66
CA LEU A 309 4.21 -20.55 10.37
C LEU A 309 5.16 -19.41 10.00
C1 2II B . 12.24 0.50 -4.62
C2 2II B . 11.36 -0.56 -4.03
C3 2II B . 10.43 -1.41 -4.63
C7 2II B . 11.57 -0.63 -2.66
C8 2II B . 12.58 0.40 -2.29
C9 2II B . 8.72 -3.23 -4.58
C10 2II B . 8.48 -5.32 -5.80
C11 2II B . 9.07 -6.46 -6.32
C12 2II B . 8.27 -7.50 -6.76
C13 2II B . 6.89 -7.39 -6.72
C14 2II B . 6.30 -6.26 -6.18
C15 2II B . 7.10 -5.21 -5.73
C16 2II B . 4.83 -6.11 -6.16
C19 2II B . 2.01 -4.12 -7.02
C20 2II B . 1.97 -4.14 -8.56
C21 2II B . 1.07 -5.34 -8.82
C22 2II B . 0.57 -4.42 -6.65
C24 2II B . -2.26 -5.27 -7.01
C27 2II B . 5.03 -8.52 -4.12
C30 2II B . 3.02 -9.32 -5.12
O2 2II B . -1.35 -6.74 -8.62
C23 2II B . -1.14 -5.82 -7.86
C25 2II B . -2.89 -6.32 -6.16
N3 2II B . 0.07 -5.24 -7.75
N1 2II B . 2.95 -5.18 -6.53
C18 2II B . 2.63 -6.37 -5.96
C17 2II B . 3.82 -7.02 -5.72
C26 2II B . 3.95 -8.30 -4.99
C29 2II B . 3.22 -10.49 -4.43
N4 2II B . 4.24 -10.72 -3.62
C28 2II B . 5.10 -9.71 -3.44
N2 2II B . 4.30 -5.01 -6.68
O1 2II B . 9.30 -4.37 -5.26
C4 2II B . 9.74 -2.36 -3.90
C5 2II B . 9.95 -2.41 -2.52
C6 2II B . 10.87 -1.56 -1.90
O 2II B . 13.03 0.67 -1.19
N 2II B . 12.91 1.05 -3.44
C 2II B . 13.85 2.15 -3.51
#